data_9D8T
#
_entry.id   9D8T
#
_cell.length_a   56.351
_cell.length_b   59.794
_cell.length_c   78.663
_cell.angle_alpha   90.00
_cell.angle_beta   90.00
_cell.angle_gamma   90.00
#
_symmetry.space_group_name_H-M   'P 2 21 21'
#
loop_
_entity.id
_entity.type
_entity.pdbx_description
1 polymer 'Carbapenem-hydrolyzing beta-lactamase KPC'
2 non-polymer 'SULFATE ION'
3 non-polymer GLYCEROL
4 non-polymer '{[7-bromo-1-(cyclopentylmethyl)-2-oxo-1,2-dihydroquinolin-4-yl]methyl}phosphonic acid'
5 water water
#
_entity_poly.entity_id   1
_entity_poly.type   'polypeptide(L)'
_entity_poly.pdbx_seq_one_letter_code
;MGSSHHHHHHSSGLVPRGSHMLTNLVAEPFAKLEQDFGGSIGVYAMDTGSGATVSYRAEERFPLCSSFKGFLAAAVLARS
QQQAGLLDTPIRYGKNALVPWSPISEKYLTTGMTVAELSAAAVQYSDNAAANLLLKELGGPAGLTAFMRSIGDTTFRLDR
WELELNSAIPGDARDTSSPRAVTESLQKLTLGSALAAPQRQQFVDWLKGNTTGNHRIRAAVPADWAVGDKTGTCGVYGTA
NDYAVVWPTGRAPIVLAVYTRAPNKDDKHSEAVIAAAARLALEGLGVNGQ
;
_entity_poly.pdbx_strand_id   A
#
loop_
_chem_comp.id
_chem_comp.type
_chem_comp.name
_chem_comp.formula
A1A20 non-polymer '{[7-bromo-1-(cyclopentylmethyl)-2-oxo-1,2-dihydroquinolin-4-yl]methyl}phosphonic acid' 'C16 H19 Br N O4 P'
GOL non-polymer GLYCEROL 'C3 H8 O3'
SO4 non-polymer 'SULFATE ION' 'O4 S -2'
#
# COMPACT_ATOMS: atom_id res chain seq x y z
N HIS A 20 -6.19 -19.38 -10.28
CA HIS A 20 -7.46 -19.90 -9.66
C HIS A 20 -7.11 -20.83 -8.49
N MET A 21 -6.55 -22.02 -8.76
CA MET A 21 -6.37 -23.07 -7.72
C MET A 21 -4.88 -23.27 -7.44
N LEU A 22 -4.09 -22.25 -7.77
CA LEU A 22 -2.66 -22.16 -7.38
C LEU A 22 -2.58 -21.97 -5.85
N THR A 23 -3.65 -21.48 -5.22
CA THR A 23 -3.75 -21.32 -3.74
C THR A 23 -3.24 -22.59 -3.03
N ASN A 24 -3.58 -23.77 -3.55
CA ASN A 24 -3.31 -25.10 -2.93
C ASN A 24 -1.85 -25.52 -3.11
N LEU A 25 -1.13 -25.04 -4.12
CA LEU A 25 0.32 -25.33 -4.21
C LEU A 25 1.01 -24.85 -2.93
N VAL A 26 0.43 -23.86 -2.22
CA VAL A 26 1.11 -23.12 -1.10
C VAL A 26 0.17 -22.83 0.09
N ALA A 27 -1.05 -23.39 0.19
CA ALA A 27 -1.99 -23.10 1.31
C ALA A 27 -1.43 -23.65 2.64
N GLU A 28 -0.72 -24.77 2.61
CA GLU A 28 -0.13 -25.37 3.85
C GLU A 28 1.12 -24.61 4.25
N PRO A 29 2.06 -24.28 3.33
CA PRO A 29 3.15 -23.33 3.65
C PRO A 29 2.71 -22.00 4.29
N PHE A 30 1.62 -21.40 3.83
CA PHE A 30 1.08 -20.14 4.43
C PHE A 30 0.61 -20.39 5.86
N ALA A 31 -0.09 -21.49 6.12
CA ALA A 31 -0.58 -21.81 7.47
C ALA A 31 0.63 -21.97 8.40
N LYS A 32 1.69 -22.61 7.93
CA LYS A 32 2.89 -22.84 8.79
C LYS A 32 3.59 -21.49 9.04
N LEU A 33 3.66 -20.62 8.02
CA LEU A 33 4.33 -19.30 8.17
C LEU A 33 3.59 -18.48 9.23
N GLU A 34 2.26 -18.49 9.15
CA GLU A 34 1.43 -17.69 10.04
C GLU A 34 1.52 -18.27 11.45
N GLN A 35 1.58 -19.58 11.59
CA GLN A 35 1.78 -20.21 12.92
C GLN A 35 3.13 -19.81 13.55
N ASP A 36 4.20 -19.80 12.76
CA ASP A 36 5.53 -19.35 13.23
C ASP A 36 5.45 -17.85 13.59
N PHE A 37 4.78 -17.06 12.76
CA PHE A 37 4.60 -15.61 13.05
C PHE A 37 3.83 -15.39 14.35
N GLY A 38 2.75 -16.12 14.59
CA GLY A 38 1.92 -15.98 15.83
C GLY A 38 0.78 -14.99 15.60
N GLY A 39 0.38 -14.79 14.34
CA GLY A 39 -0.73 -13.86 14.02
C GLY A 39 -1.39 -14.33 12.75
N SER A 40 -1.97 -13.39 11.99
CA SER A 40 -2.69 -13.65 10.73
C SER A 40 -1.93 -13.00 9.60
N ILE A 41 -1.79 -13.73 8.50
CA ILE A 41 -1.26 -13.20 7.24
C ILE A 41 -2.33 -13.27 6.17
N GLY A 42 -2.51 -12.16 5.47
CA GLY A 42 -3.45 -12.06 4.36
C GLY A 42 -2.68 -11.77 3.09
N VAL A 43 -2.94 -12.56 2.04
CA VAL A 43 -2.22 -12.45 0.76
C VAL A 43 -3.21 -12.54 -0.39
N TYR A 44 -3.05 -11.68 -1.37
CA TYR A 44 -3.71 -11.87 -2.69
C TYR A 44 -2.67 -11.53 -3.74
N ALA A 45 -2.48 -12.41 -4.72
CA ALA A 45 -1.51 -12.20 -5.81
C ALA A 45 -2.21 -12.55 -7.12
N MET A 46 -2.02 -11.74 -8.13
CA MET A 46 -2.65 -11.98 -9.46
C MET A 46 -1.61 -11.89 -10.56
N ASP A 47 -1.59 -12.92 -11.39
CA ASP A 47 -0.80 -12.92 -12.65
C ASP A 47 -1.68 -12.20 -13.66
N THR A 48 -1.28 -11.00 -14.08
CA THR A 48 -2.10 -10.18 -15.01
C THR A 48 -2.09 -10.80 -16.42
N GLY A 49 -1.20 -11.74 -16.71
CA GLY A 49 -1.13 -12.43 -18.01
C GLY A 49 -2.25 -13.43 -18.16
N SER A 50 -2.27 -14.42 -17.28
CA SER A 50 -3.21 -15.57 -17.27
C SER A 50 -4.48 -15.26 -16.47
N GLY A 51 -4.39 -14.42 -15.43
CA GLY A 51 -5.51 -14.16 -14.50
C GLY A 51 -5.49 -15.13 -13.34
N ALA A 52 -4.47 -15.98 -13.28
CA ALA A 52 -4.27 -16.91 -12.16
C ALA A 52 -4.09 -16.11 -10.87
N THR A 53 -4.54 -16.68 -9.76
CA THR A 53 -4.50 -15.95 -8.48
C THR A 53 -4.07 -16.85 -7.34
N VAL A 54 -3.48 -16.26 -6.31
CA VAL A 54 -3.15 -17.00 -5.07
C VAL A 54 -3.83 -16.20 -3.94
N SER A 55 -4.59 -16.88 -3.10
CA SER A 55 -5.35 -16.20 -2.02
C SER A 55 -5.12 -16.89 -0.68
N TYR A 56 -4.84 -16.12 0.35
CA TYR A 56 -4.78 -16.66 1.72
C TYR A 56 -5.36 -15.56 2.61
N ARG A 57 -6.49 -15.86 3.24
CA ARG A 57 -7.24 -14.85 4.04
C ARG A 57 -7.43 -13.56 3.23
N ALA A 58 -7.69 -13.68 1.92
CA ALA A 58 -7.65 -12.55 0.97
C ALA A 58 -8.86 -11.64 1.16
N GLU A 59 -9.89 -12.13 1.85
CA GLU A 59 -11.16 -11.40 2.03
C GLU A 59 -11.21 -10.83 3.45
N GLU A 60 -10.26 -11.12 4.32
CA GLU A 60 -10.28 -10.55 5.69
C GLU A 60 -9.88 -9.07 5.66
N ARG A 61 -10.33 -8.32 6.65
CA ARG A 61 -9.92 -6.91 6.84
C ARG A 61 -8.62 -6.88 7.62
N PHE A 62 -7.70 -6.06 7.17
CA PHE A 62 -6.41 -5.75 7.83
C PHE A 62 -6.31 -4.23 7.90
N PRO A 63 -5.76 -3.66 8.99
CA PRO A 63 -5.44 -2.23 9.01
C PRO A 63 -4.51 -1.81 7.86
N LEU A 64 -4.86 -0.70 7.20
CA LEU A 64 -4.05 -0.13 6.10
C LEU A 64 -2.73 0.41 6.63
N CYS A 65 -2.72 0.99 7.82
CA CYS A 65 -1.53 1.74 8.32
C CYS A 65 -1.15 2.72 7.20
N SER A 66 0.14 2.95 6.92
CA SER A 66 0.60 3.92 5.91
C SER A 66 0.23 3.48 4.49
N SER A 67 -0.24 2.25 4.24
CA SER A 67 -0.47 1.74 2.86
C SER A 67 -1.54 2.57 2.14
N PHE A 68 -2.41 3.28 2.86
CA PHE A 68 -3.38 4.21 2.21
C PHE A 68 -2.70 5.33 1.45
N LYS A 69 -1.44 5.68 1.78
CA LYS A 69 -0.74 6.84 1.15
C LYS A 69 -0.50 6.61 -0.36
N GLY A 70 -0.37 5.36 -0.82
CA GLY A 70 -0.25 5.09 -2.26
C GLY A 70 -1.56 5.43 -2.96
N PHE A 71 -2.69 4.98 -2.42
CA PHE A 71 -4.04 5.26 -2.96
C PHE A 71 -4.30 6.78 -2.88
N LEU A 72 -3.85 7.42 -1.80
CA LEU A 72 -3.93 8.89 -1.62
C LEU A 72 -3.25 9.57 -2.82
N ALA A 73 -2.04 9.14 -3.19
CA ALA A 73 -1.29 9.77 -4.31
C ALA A 73 -2.05 9.55 -5.62
N ALA A 74 -2.60 8.33 -5.81
CA ALA A 74 -3.41 7.98 -7.01
C ALA A 74 -4.64 8.90 -7.05
N ALA A 75 -5.30 9.17 -5.92
CA ALA A 75 -6.50 10.06 -5.90
C ALA A 75 -6.10 11.49 -6.28
N VAL A 76 -4.92 11.93 -5.84
CA VAL A 76 -4.38 13.29 -6.18
C VAL A 76 -4.15 13.33 -7.70
N LEU A 77 -3.51 12.30 -8.26
CA LEU A 77 -3.23 12.22 -9.72
C LEU A 77 -4.57 12.23 -10.49
N ALA A 78 -5.59 11.50 -10.02
CA ALA A 78 -6.92 11.46 -10.65
C ALA A 78 -7.49 12.88 -10.69
N ARG A 79 -7.39 13.59 -9.55
CA ARG A 79 -7.93 14.98 -9.42
C ARG A 79 -7.17 15.90 -10.35
N SER A 80 -5.87 15.67 -10.54
CA SER A 80 -5.01 16.44 -11.48
C SER A 80 -5.50 16.27 -12.93
N GLN A 81 -6.24 15.21 -13.26
CA GLN A 81 -6.84 15.08 -14.61
C GLN A 81 -7.97 16.12 -14.74
N GLN A 82 -8.66 16.48 -13.66
CA GLN A 82 -9.78 17.45 -13.70
C GLN A 82 -9.31 18.83 -13.29
N GLN A 83 -8.12 18.98 -12.71
CA GLN A 83 -7.63 20.28 -12.18
C GLN A 83 -6.21 20.53 -12.68
N ALA A 84 -6.08 21.16 -13.85
CA ALA A 84 -4.76 21.49 -14.44
C ALA A 84 -4.02 22.37 -13.42
N GLY A 85 -2.73 22.15 -13.26
CA GLY A 85 -1.92 22.94 -12.33
C GLY A 85 -1.97 22.39 -10.91
N LEU A 86 -2.78 21.36 -10.60
CA LEU A 86 -2.93 20.91 -9.19
C LEU A 86 -1.56 20.47 -8.68
N LEU A 87 -0.87 19.62 -9.42
CA LEU A 87 0.43 19.02 -8.99
C LEU A 87 1.49 20.12 -8.68
N ASP A 88 1.45 21.25 -9.38
CA ASP A 88 2.45 22.33 -9.23
C ASP A 88 2.02 23.32 -8.15
N THR A 89 0.90 23.09 -7.48
CA THR A 89 0.43 24.04 -6.45
C THR A 89 1.35 24.01 -5.23
N PRO A 90 1.92 25.17 -4.83
CA PRO A 90 2.70 25.25 -3.59
C PRO A 90 1.78 25.16 -2.36
N ILE A 91 2.16 24.36 -1.39
CA ILE A 91 1.41 24.23 -0.11
C ILE A 91 2.36 24.66 1.02
N ARG A 92 1.91 25.59 1.87
CA ARG A 92 2.66 26.06 3.05
C ARG A 92 2.00 25.48 4.29
N TYR A 93 2.77 25.17 5.32
CA TYR A 93 2.25 24.51 6.51
C TYR A 93 3.08 24.98 7.69
N GLY A 94 2.47 24.96 8.87
CA GLY A 94 3.14 25.35 10.13
C GLY A 94 3.76 24.17 10.83
N LYS A 95 4.57 24.45 11.84
CA LYS A 95 5.19 23.44 12.71
C LYS A 95 4.11 22.47 13.18
N ASN A 96 2.90 22.95 13.44
CA ASN A 96 1.83 22.12 14.05
C ASN A 96 1.37 21.05 13.05
N ALA A 97 1.56 21.22 11.74
CA ALA A 97 1.22 20.20 10.70
C ALA A 97 2.19 19.01 10.75
N LEU A 98 3.41 19.21 11.28
CA LEU A 98 4.40 18.13 11.33
C LEU A 98 3.83 17.15 12.35
N VAL A 99 3.88 15.87 12.05
CA VAL A 99 3.65 14.82 13.05
C VAL A 99 4.82 13.88 12.90
N PRO A 100 5.01 13.01 13.90
CA PRO A 100 6.10 12.07 13.89
C PRO A 100 6.13 11.31 12.56
N TRP A 101 7.35 11.02 12.08
N TRP A 101 7.36 11.04 12.13
CA TRP A 101 7.71 10.39 10.78
CA TRP A 101 7.76 10.46 10.82
C TRP A 101 7.25 11.31 9.64
C TRP A 101 7.24 11.34 9.69
N SER A 102 7.88 12.49 9.53
CA SER A 102 7.64 13.44 8.43
C SER A 102 9.02 13.81 7.86
N PRO A 103 9.80 12.84 7.33
CA PRO A 103 11.22 13.08 7.08
C PRO A 103 11.49 14.02 5.89
N ILE A 104 10.58 14.16 4.95
CA ILE A 104 10.73 15.16 3.86
C ILE A 104 10.11 16.48 4.31
N SER A 105 8.84 16.48 4.74
CA SER A 105 8.11 17.75 5.02
C SER A 105 8.84 18.55 6.11
N GLU A 106 9.52 17.91 7.07
CA GLU A 106 10.24 18.65 8.12
C GLU A 106 11.39 19.46 7.47
N LYS A 107 11.95 19.04 6.33
CA LYS A 107 13.09 19.75 5.67
C LYS A 107 12.59 20.97 4.87
N TYR A 108 11.28 21.07 4.61
CA TYR A 108 10.69 22.15 3.77
C TYR A 108 9.66 22.94 4.55
N LEU A 109 9.69 22.83 5.87
CA LEU A 109 8.76 23.60 6.73
C LEU A 109 8.87 25.10 6.43
N THR A 110 10.08 25.63 6.26
CA THR A 110 10.27 27.09 6.12
C THR A 110 9.99 27.54 4.68
N THR A 111 9.80 26.62 3.74
CA THR A 111 9.68 26.94 2.31
C THR A 111 8.32 26.51 1.76
N GLY A 112 7.72 25.44 2.31
CA GLY A 112 6.60 24.77 1.65
C GLY A 112 7.07 23.82 0.54
N MET A 113 6.12 23.07 -0.01
CA MET A 113 6.37 22.04 -1.04
C MET A 113 5.19 22.06 -2.01
N THR A 114 5.37 21.54 -3.21
CA THR A 114 4.25 21.40 -4.18
C THR A 114 3.41 20.17 -3.84
N VAL A 115 2.19 20.13 -4.37
CA VAL A 115 1.29 18.94 -4.23
C VAL A 115 2.06 17.71 -4.75
N ALA A 116 2.70 17.80 -5.92
CA ALA A 116 3.49 16.70 -6.53
C ALA A 116 4.58 16.23 -5.54
N GLU A 117 5.23 17.17 -4.87
CA GLU A 117 6.33 16.83 -3.93
C GLU A 117 5.76 16.15 -2.68
N LEU A 118 4.65 16.65 -2.19
CA LEU A 118 4.01 16.01 -1.01
C LEU A 118 3.57 14.58 -1.37
N SER A 119 3.00 14.39 -2.58
CA SER A 119 2.55 13.07 -3.08
C SER A 119 3.75 12.10 -3.14
N ALA A 120 4.86 12.55 -3.69
CA ALA A 120 6.11 11.75 -3.76
C ALA A 120 6.62 11.48 -2.35
N ALA A 121 6.49 12.42 -1.42
CA ALA A 121 6.98 12.20 -0.04
C ALA A 121 6.12 11.14 0.68
N ALA A 122 4.80 11.23 0.52
CA ALA A 122 3.81 10.33 1.14
C ALA A 122 4.07 8.90 0.64
N VAL A 123 4.34 8.73 -0.67
CA VAL A 123 4.52 7.40 -1.30
C VAL A 123 5.91 6.88 -0.94
N GLN A 124 6.96 7.68 -1.08
CA GLN A 124 8.36 7.15 -1.17
C GLN A 124 9.03 7.19 0.20
N TYR A 125 8.52 8.01 1.11
CA TYR A 125 9.08 8.12 2.48
C TYR A 125 7.98 7.91 3.53
N SER A 126 6.76 7.63 3.11
CA SER A 126 5.62 7.41 4.01
C SER A 126 5.37 8.66 4.91
N ASP A 127 5.67 9.84 4.37
CA ASP A 127 5.66 11.12 5.14
C ASP A 127 4.26 11.42 5.71
N ASN A 128 4.13 11.46 7.04
CA ASN A 128 2.82 11.62 7.71
C ASN A 128 2.27 13.04 7.54
N ALA A 129 3.08 14.11 7.68
CA ALA A 129 2.56 15.48 7.51
C ALA A 129 2.03 15.57 6.08
N ALA A 130 2.82 15.13 5.10
CA ALA A 130 2.43 15.18 3.67
C ALA A 130 1.10 14.46 3.44
N ALA A 131 0.93 13.27 4.02
CA ALA A 131 -0.32 12.49 3.94
C ALA A 131 -1.49 13.33 4.44
N ASN A 132 -1.39 13.91 5.64
CA ASN A 132 -2.51 14.71 6.22
C ASN A 132 -2.80 15.94 5.37
N LEU A 133 -1.78 16.59 4.83
CA LEU A 133 -1.94 17.79 3.95
C LEU A 133 -2.68 17.39 2.68
N LEU A 134 -2.35 16.22 2.12
CA LEU A 134 -3.04 15.75 0.88
C LEU A 134 -4.47 15.28 1.17
N LEU A 135 -4.67 14.59 2.28
CA LEU A 135 -6.04 14.25 2.77
C LEU A 135 -6.90 15.51 2.87
N LYS A 136 -6.37 16.60 3.40
CA LYS A 136 -7.12 17.87 3.51
C LYS A 136 -7.51 18.34 2.10
N GLU A 137 -6.64 18.22 1.12
CA GLU A 137 -6.95 18.69 -0.27
C GLU A 137 -8.08 17.83 -0.83
N LEU A 138 -8.18 16.56 -0.46
CA LEU A 138 -9.21 15.64 -1.05
C LEU A 138 -10.52 15.68 -0.25
N GLY A 139 -10.64 16.42 0.85
CA GLY A 139 -11.85 16.42 1.69
C GLY A 139 -11.79 15.35 2.76
N GLY A 140 -10.58 14.90 3.10
CA GLY A 140 -10.35 14.05 4.26
C GLY A 140 -10.49 12.58 3.90
N PRO A 141 -10.52 11.74 4.94
CA PRO A 141 -10.72 10.29 4.78
C PRO A 141 -11.95 9.89 3.95
N ALA A 142 -13.09 10.56 4.09
CA ALA A 142 -14.27 10.26 3.26
C ALA A 142 -13.98 10.58 1.79
N GLY A 143 -13.17 11.60 1.54
CA GLY A 143 -12.75 12.00 0.19
C GLY A 143 -11.92 10.94 -0.51
N LEU A 144 -10.94 10.35 0.19
CA LEU A 144 -10.16 9.24 -0.39
C LEU A 144 -11.03 7.99 -0.56
N THR A 145 -11.87 7.66 0.42
CA THR A 145 -12.85 6.56 0.34
C THR A 145 -13.74 6.76 -0.91
N ALA A 146 -14.24 7.98 -1.14
CA ALA A 146 -15.03 8.30 -2.34
C ALA A 146 -14.23 7.95 -3.61
N PHE A 147 -12.97 8.34 -3.70
CA PHE A 147 -12.12 8.02 -4.87
C PHE A 147 -12.09 6.49 -5.09
N MET A 148 -11.89 5.72 -4.03
CA MET A 148 -11.78 4.25 -4.13
C MET A 148 -13.13 3.69 -4.61
N ARG A 149 -14.23 4.23 -4.13
CA ARG A 149 -15.57 3.80 -4.60
C ARG A 149 -15.64 4.05 -6.11
N SER A 150 -15.11 5.19 -6.56
CA SER A 150 -15.21 5.64 -7.98
C SER A 150 -14.50 4.63 -8.90
N ILE A 151 -13.52 3.86 -8.42
CA ILE A 151 -12.80 2.88 -9.27
C ILE A 151 -13.36 1.49 -9.03
N GLY A 152 -14.46 1.33 -8.26
CA GLY A 152 -15.17 0.06 -8.05
C GLY A 152 -14.67 -0.65 -6.79
N ASP A 153 -13.95 0.01 -5.89
CA ASP A 153 -13.52 -0.67 -4.63
C ASP A 153 -14.56 -0.38 -3.56
N THR A 154 -15.33 -1.40 -3.15
CA THR A 154 -16.41 -1.27 -2.14
C THR A 154 -15.91 -1.74 -0.76
N THR A 155 -14.65 -2.18 -0.65
CA THR A 155 -14.11 -2.73 0.61
C THR A 155 -13.33 -1.64 1.37
N PHE A 156 -12.53 -0.86 0.68
CA PHE A 156 -11.61 0.14 1.28
C PHE A 156 -12.41 1.08 2.17
N ARG A 157 -11.93 1.34 3.36
CA ARG A 157 -12.45 2.48 4.13
C ARG A 157 -11.31 3.18 4.85
N LEU A 158 -11.17 4.48 4.62
CA LEU A 158 -10.39 5.32 5.56
C LEU A 158 -11.37 6.13 6.41
N ASP A 159 -11.07 6.20 7.70
CA ASP A 159 -11.96 6.79 8.71
C ASP A 159 -11.27 7.94 9.40
N ARG A 160 -9.96 7.86 9.59
CA ARG A 160 -9.23 8.75 10.50
C ARG A 160 -7.99 9.31 9.80
N TRP A 161 -7.32 10.24 10.47
CA TRP A 161 -6.08 10.86 9.95
C TRP A 161 -4.83 10.25 10.59
N GLU A 162 -3.65 10.63 10.12
CA GLU A 162 -2.40 10.30 10.84
C GLU A 162 -2.38 11.16 12.10
N LEU A 163 -2.07 10.59 13.31
CA LEU A 163 -1.59 9.22 13.49
C LEU A 163 -2.69 8.27 14.01
N GLU A 164 -3.90 8.76 14.25
CA GLU A 164 -4.94 7.94 14.91
C GLU A 164 -5.29 6.71 14.09
N LEU A 165 -5.15 6.73 12.77
CA LEU A 165 -5.55 5.55 11.94
C LEU A 165 -4.66 4.34 12.21
N ASN A 166 -3.58 4.49 12.97
CA ASN A 166 -2.66 3.37 13.28
C ASN A 166 -3.07 2.55 14.51
N SER A 167 -4.26 2.74 15.10
CA SER A 167 -4.65 2.04 16.35
C SER A 167 -4.72 0.52 16.15
N ALA A 168 -5.15 0.03 14.98
CA ALA A 168 -5.10 -1.40 14.59
C ALA A 168 -5.79 -2.26 15.65
N ILE A 169 -6.91 -1.77 16.17
CA ILE A 169 -7.68 -2.48 17.21
C ILE A 169 -8.27 -3.76 16.62
N PRO A 170 -8.09 -4.91 17.29
CA PRO A 170 -8.71 -6.16 16.84
C PRO A 170 -10.22 -6.04 16.66
N GLY A 171 -10.73 -6.45 15.49
CA GLY A 171 -12.16 -6.38 15.19
C GLY A 171 -12.61 -5.03 14.63
N ASP A 172 -11.80 -3.97 14.70
CA ASP A 172 -12.23 -2.63 14.25
C ASP A 172 -12.08 -2.54 12.72
N ALA A 173 -13.19 -2.31 12.01
CA ALA A 173 -13.14 -2.16 10.54
C ALA A 173 -12.58 -0.78 10.13
N ARG A 174 -12.46 0.20 11.02
CA ARG A 174 -11.99 1.56 10.62
C ARG A 174 -10.59 1.43 10.00
N ASP A 175 -10.34 2.18 8.94
CA ASP A 175 -9.01 2.28 8.32
C ASP A 175 -8.50 0.89 7.91
N THR A 176 -9.34 0.08 7.25
CA THR A 176 -8.96 -1.27 6.79
C THR A 176 -9.33 -1.41 5.32
N SER A 177 -8.76 -2.43 4.74
CA SER A 177 -9.25 -3.05 3.48
C SER A 177 -8.89 -4.53 3.54
N SER A 178 -9.13 -5.25 2.44
CA SER A 178 -8.75 -6.68 2.31
C SER A 178 -7.59 -6.75 1.34
N PRO A 179 -6.73 -7.78 1.45
CA PRO A 179 -5.65 -7.96 0.47
C PRO A 179 -6.19 -8.02 -0.96
N ARG A 180 -7.28 -8.74 -1.18
CA ARG A 180 -7.87 -8.82 -2.54
C ARG A 180 -8.31 -7.45 -3.05
N ALA A 181 -9.02 -6.66 -2.27
CA ALA A 181 -9.46 -5.31 -2.72
C ALA A 181 -8.25 -4.40 -2.98
N VAL A 182 -7.21 -4.48 -2.17
CA VAL A 182 -5.97 -3.65 -2.37
C VAL A 182 -5.30 -4.05 -3.69
N THR A 183 -5.17 -5.34 -3.95
CA THR A 183 -4.58 -5.85 -5.22
C THR A 183 -5.43 -5.43 -6.40
N GLU A 184 -6.76 -5.63 -6.34
CA GLU A 184 -7.66 -5.27 -7.45
C GLU A 184 -7.57 -3.77 -7.77
N SER A 185 -7.59 -2.93 -6.74
CA SER A 185 -7.46 -1.47 -6.90
C SER A 185 -6.07 -1.10 -7.43
N LEU A 186 -5.01 -1.73 -6.92
CA LEU A 186 -3.64 -1.41 -7.36
C LEU A 186 -3.53 -1.75 -8.86
N GLN A 187 -4.12 -2.86 -9.28
N GLN A 187 -4.14 -2.87 -9.29
CA GLN A 187 -4.03 -3.27 -10.71
CA GLN A 187 -4.04 -3.29 -10.72
C GLN A 187 -4.72 -2.21 -11.58
C GLN A 187 -4.74 -2.24 -11.60
N LYS A 188 -5.90 -1.76 -11.16
CA LYS A 188 -6.70 -0.78 -11.91
C LYS A 188 -5.91 0.51 -12.09
N LEU A 189 -5.19 0.94 -11.06
CA LEU A 189 -4.49 2.25 -11.05
C LEU A 189 -3.17 2.16 -11.81
N THR A 190 -2.46 1.05 -11.74
CA THR A 190 -1.07 0.95 -12.26
C THR A 190 -1.05 0.38 -13.68
N LEU A 191 -2.00 -0.50 -14.00
CA LEU A 191 -1.98 -1.31 -15.24
C LEU A 191 -3.32 -1.15 -15.98
N GLY A 192 -4.40 -0.84 -15.28
CA GLY A 192 -5.73 -0.67 -15.92
C GLY A 192 -5.96 0.73 -16.42
N SER A 193 -7.22 1.11 -16.55
CA SER A 193 -7.63 2.42 -17.14
C SER A 193 -8.21 3.35 -16.07
N ALA A 194 -7.96 3.13 -14.77
CA ALA A 194 -8.49 4.01 -13.71
C ALA A 194 -7.86 5.39 -13.84
N LEU A 195 -6.58 5.50 -14.22
CA LEU A 195 -5.94 6.82 -14.47
C LEU A 195 -5.63 6.97 -15.97
N ALA A 196 -5.57 8.20 -16.46
CA ALA A 196 -5.07 8.51 -17.81
C ALA A 196 -3.57 8.16 -17.86
N ALA A 197 -3.06 7.83 -19.03
CA ALA A 197 -1.71 7.27 -19.24
C ALA A 197 -0.64 8.06 -18.48
N PRO A 198 -0.53 9.40 -18.61
CA PRO A 198 0.59 10.10 -17.97
C PRO A 198 0.56 9.93 -16.45
N GLN A 199 -0.65 10.09 -15.88
CA GLN A 199 -0.93 9.94 -14.41
C GLN A 199 -0.60 8.51 -13.98
N ARG A 200 -0.96 7.52 -14.80
CA ARG A 200 -0.69 6.11 -14.49
C ARG A 200 0.82 5.93 -14.38
N GLN A 201 1.60 6.48 -15.33
CA GLN A 201 3.06 6.27 -15.31
C GLN A 201 3.68 7.04 -14.12
N GLN A 202 3.14 8.21 -13.76
CA GLN A 202 3.68 8.97 -12.59
C GLN A 202 3.46 8.13 -11.31
N PHE A 203 2.30 7.48 -11.20
CA PHE A 203 1.95 6.66 -10.00
C PHE A 203 2.93 5.49 -9.94
N VAL A 204 3.08 4.80 -11.05
CA VAL A 204 4.09 3.71 -11.18
C VAL A 204 5.47 4.22 -10.78
N ASP A 205 5.90 5.38 -11.30
CA ASP A 205 7.26 5.91 -11.02
C ASP A 205 7.40 6.22 -9.52
N TRP A 206 6.37 6.74 -8.86
CA TRP A 206 6.47 6.98 -7.39
C TRP A 206 6.67 5.67 -6.63
N LEU A 207 5.86 4.65 -6.96
CA LEU A 207 5.92 3.33 -6.32
C LEU A 207 7.32 2.72 -6.56
N LYS A 208 7.87 2.85 -7.77
CA LYS A 208 9.21 2.28 -8.09
C LYS A 208 10.29 2.96 -7.26
N GLY A 209 10.14 4.23 -6.93
CA GLY A 209 11.12 5.00 -6.16
C GLY A 209 10.93 4.90 -4.65
N ASN A 210 9.99 4.09 -4.19
CA ASN A 210 9.76 3.94 -2.73
C ASN A 210 11.06 3.53 -2.03
N THR A 211 11.35 4.07 -0.85
CA THR A 211 12.62 3.81 -0.12
C THR A 211 12.39 2.97 1.13
N THR A 212 11.13 2.71 1.52
CA THR A 212 10.80 2.12 2.83
C THR A 212 10.53 0.61 2.77
N GLY A 213 10.56 0.00 1.59
CA GLY A 213 10.09 -1.39 1.37
C GLY A 213 11.21 -2.40 1.05
N ASN A 214 12.48 -2.08 1.24
CA ASN A 214 13.60 -2.98 0.83
C ASN A 214 13.54 -4.34 1.52
N HIS A 215 12.94 -4.46 2.72
CA HIS A 215 12.92 -5.72 3.51
C HIS A 215 11.57 -6.45 3.38
N ARG A 216 10.69 -6.02 2.48
CA ARG A 216 9.35 -6.65 2.34
C ARG A 216 9.24 -7.34 0.98
N ILE A 217 8.23 -7.03 0.17
CA ILE A 217 8.03 -7.72 -1.13
C ILE A 217 9.36 -7.68 -1.93
N ARG A 218 10.02 -6.52 -1.97
CA ARG A 218 11.28 -6.30 -2.75
C ARG A 218 12.30 -7.39 -2.40
N ALA A 219 12.35 -7.79 -1.14
CA ALA A 219 13.30 -8.81 -0.67
C ALA A 219 13.00 -10.17 -1.32
N ALA A 220 11.81 -10.38 -1.86
CA ALA A 220 11.43 -11.66 -2.49
C ALA A 220 11.63 -11.56 -4.00
N VAL A 221 11.98 -10.40 -4.55
CA VAL A 221 12.03 -10.33 -6.04
C VAL A 221 13.48 -10.16 -6.52
N PRO A 222 13.83 -10.93 -7.58
CA PRO A 222 15.16 -10.84 -8.20
C PRO A 222 15.54 -9.41 -8.62
N ALA A 223 16.83 -9.08 -8.59
CA ALA A 223 17.34 -7.70 -8.84
C ALA A 223 17.06 -7.27 -10.27
N ASP A 224 16.81 -8.18 -11.21
CA ASP A 224 16.65 -7.80 -12.63
C ASP A 224 15.17 -7.63 -12.94
N TRP A 225 14.28 -7.64 -11.93
CA TRP A 225 12.85 -7.34 -12.13
C TRP A 225 12.54 -5.94 -11.59
N ALA A 226 11.71 -5.21 -12.29
CA ALA A 226 11.20 -3.89 -11.83
C ALA A 226 10.11 -4.12 -10.77
N VAL A 227 10.08 -3.27 -9.75
CA VAL A 227 9.12 -3.39 -8.63
C VAL A 227 8.75 -1.99 -8.16
N GLY A 228 7.46 -1.75 -7.94
CA GLY A 228 6.95 -0.58 -7.22
C GLY A 228 6.19 -1.06 -6.01
N ASP A 229 6.32 -0.42 -4.86
CA ASP A 229 5.59 -0.90 -3.65
C ASP A 229 5.19 0.29 -2.80
N LYS A 230 4.28 0.01 -1.87
CA LYS A 230 3.95 0.94 -0.75
C LYS A 230 3.82 0.13 0.54
N THR A 231 4.56 0.52 1.58
CA THR A 231 4.57 -0.15 2.88
C THR A 231 3.51 0.42 3.81
N GLY A 232 3.22 -0.33 4.87
CA GLY A 232 2.45 0.22 6.00
C GLY A 232 2.84 -0.46 7.28
N THR A 233 3.05 0.31 8.35
CA THR A 233 3.44 -0.23 9.66
C THR A 233 2.70 0.54 10.75
N CYS A 234 1.76 -0.09 11.44
CA CYS A 234 0.94 0.55 12.49
C CYS A 234 1.75 0.70 13.79
N GLY A 235 2.64 -0.23 14.09
CA GLY A 235 3.51 -0.15 15.28
C GLY A 235 2.89 -0.81 16.50
N VAL A 236 1.79 -1.50 16.32
CA VAL A 236 1.07 -2.23 17.41
C VAL A 236 0.40 -3.46 16.76
N TYR A 237 0.04 -4.45 17.56
CA TYR A 237 -0.79 -5.60 17.14
C TYR A 237 -0.14 -6.30 15.93
N GLY A 238 1.19 -6.34 15.93
CA GLY A 238 1.97 -7.09 14.91
C GLY A 238 1.52 -6.72 13.52
N THR A 239 1.09 -5.47 13.33
CA THR A 239 0.37 -5.04 12.10
C THR A 239 1.32 -4.29 11.17
N ALA A 240 1.53 -4.83 9.97
CA ALA A 240 2.38 -4.24 8.91
C ALA A 240 2.02 -4.89 7.59
N ASN A 241 2.39 -4.25 6.49
CA ASN A 241 1.91 -4.73 5.19
C ASN A 241 2.79 -4.15 4.09
N ASP A 242 2.49 -4.56 2.88
CA ASP A 242 3.18 -4.04 1.68
C ASP A 242 2.33 -4.47 0.50
N TYR A 243 2.22 -3.65 -0.50
CA TYR A 243 1.63 -4.08 -1.78
C TYR A 243 2.56 -3.61 -2.87
N ALA A 244 2.53 -4.32 -3.99
CA ALA A 244 3.47 -4.08 -5.09
C ALA A 244 2.91 -4.53 -6.43
N VAL A 245 3.44 -3.87 -7.45
CA VAL A 245 3.43 -4.35 -8.85
C VAL A 245 4.86 -4.76 -9.17
N VAL A 246 4.96 -5.96 -9.75
CA VAL A 246 6.28 -6.55 -10.10
C VAL A 246 6.28 -6.87 -11.60
N TRP A 247 7.34 -6.47 -12.31
CA TRP A 247 7.47 -6.75 -13.76
C TRP A 247 8.57 -7.79 -13.95
N PRO A 248 8.24 -9.08 -13.88
CA PRO A 248 9.21 -10.12 -14.15
C PRO A 248 9.60 -9.96 -15.64
N THR A 249 10.83 -10.33 -16.00
CA THR A 249 11.27 -10.22 -17.42
C THR A 249 10.51 -11.28 -18.21
N GLY A 250 10.11 -10.96 -19.42
CA GLY A 250 9.56 -11.96 -20.36
C GLY A 250 8.18 -12.48 -19.99
N ARG A 251 7.46 -11.87 -19.05
CA ARG A 251 6.06 -12.30 -18.77
C ARG A 251 5.29 -11.09 -18.23
N ALA A 252 3.97 -11.21 -18.10
CA ALA A 252 3.07 -10.12 -17.69
C ALA A 252 3.35 -9.79 -16.23
N PRO A 253 3.08 -8.55 -15.82
CA PRO A 253 3.26 -8.16 -14.42
C PRO A 253 2.37 -8.94 -13.43
N ILE A 254 2.87 -9.00 -12.19
CA ILE A 254 2.17 -9.56 -11.02
C ILE A 254 1.82 -8.41 -10.09
N VAL A 255 0.61 -8.44 -9.53
CA VAL A 255 0.17 -7.45 -8.53
C VAL A 255 -0.09 -8.26 -7.27
N LEU A 256 0.41 -7.81 -6.13
CA LEU A 256 0.16 -8.54 -4.89
C LEU A 256 0.11 -7.60 -3.69
N ALA A 257 -0.54 -8.12 -2.67
CA ALA A 257 -0.74 -7.46 -1.37
C ALA A 257 -0.44 -8.45 -0.26
N VAL A 258 0.36 -8.03 0.71
CA VAL A 258 0.67 -8.87 1.89
C VAL A 258 0.39 -8.02 3.14
N TYR A 259 -0.53 -8.46 3.98
CA TYR A 259 -1.00 -7.76 5.19
C TYR A 259 -0.84 -8.72 6.38
N THR A 260 -0.43 -8.20 7.52
CA THR A 260 -0.37 -9.00 8.76
C THR A 260 -1.01 -8.26 9.90
N ARG A 261 -1.45 -9.03 10.88
N ARG A 261 -1.44 -9.03 10.89
CA ARG A 261 -1.91 -8.52 12.19
CA ARG A 261 -1.86 -8.51 12.20
C ARG A 261 -1.73 -9.65 13.20
C ARG A 261 -1.73 -9.65 13.20
N ALA A 262 -1.83 -9.32 14.48
CA ALA A 262 -1.60 -10.28 15.57
C ALA A 262 -2.49 -9.86 16.72
N PRO A 263 -2.80 -10.80 17.62
CA PRO A 263 -3.84 -10.56 18.62
C PRO A 263 -3.48 -9.60 19.75
N ASN A 264 -2.19 -9.47 20.11
CA ASN A 264 -1.76 -8.74 21.34
C ASN A 264 -1.22 -7.38 20.94
N LYS A 265 -1.47 -6.36 21.73
CA LYS A 265 -1.04 -4.99 21.36
C LYS A 265 0.49 -4.95 21.24
N ASP A 266 1.19 -5.67 22.11
N ASP A 266 1.16 -5.68 22.12
CA ASP A 266 2.68 -5.64 22.18
CA ASP A 266 2.64 -5.73 22.26
C ASP A 266 3.28 -6.72 21.27
C ASP A 266 3.28 -6.60 21.17
N ASP A 267 2.48 -7.37 20.42
CA ASP A 267 3.03 -8.26 19.34
C ASP A 267 3.82 -7.42 18.34
N LYS A 268 4.97 -7.94 17.92
CA LYS A 268 5.85 -7.19 16.97
C LYS A 268 5.49 -7.58 15.54
N HIS A 269 5.51 -6.66 14.59
CA HIS A 269 5.40 -7.02 13.14
C HIS A 269 6.70 -7.71 12.73
N SER A 270 6.73 -8.35 11.58
CA SER A 270 7.95 -8.96 11.00
C SER A 270 8.05 -8.63 9.53
N GLU A 271 9.11 -7.93 9.13
CA GLU A 271 9.35 -7.70 7.70
C GLU A 271 9.71 -9.05 7.07
N ALA A 272 10.47 -9.89 7.75
CA ALA A 272 10.86 -11.22 7.25
C ALA A 272 9.63 -12.05 6.88
N VAL A 273 8.55 -11.96 7.67
CA VAL A 273 7.34 -12.77 7.40
C VAL A 273 6.67 -12.22 6.15
N ILE A 274 6.68 -10.90 5.97
CA ILE A 274 6.07 -10.29 4.74
C ILE A 274 6.86 -10.74 3.50
N ALA A 275 8.19 -10.71 3.55
CA ALA A 275 9.05 -11.20 2.44
C ALA A 275 8.77 -12.68 2.16
N ALA A 276 8.68 -13.49 3.19
CA ALA A 276 8.48 -14.94 3.03
C ALA A 276 7.09 -15.14 2.41
N ALA A 277 6.08 -14.34 2.80
CA ALA A 277 4.71 -14.50 2.27
C ALA A 277 4.75 -14.15 0.78
N ALA A 278 5.44 -13.07 0.44
CA ALA A 278 5.58 -12.65 -0.97
C ALA A 278 6.25 -13.78 -1.78
N ARG A 279 7.33 -14.37 -1.26
N ARG A 279 7.33 -14.37 -1.26
CA ARG A 279 8.03 -15.51 -1.94
CA ARG A 279 8.02 -15.49 -1.96
C ARG A 279 7.03 -16.63 -2.21
C ARG A 279 7.03 -16.63 -2.21
N LEU A 280 6.25 -17.04 -1.20
CA LEU A 280 5.24 -18.11 -1.35
C LEU A 280 4.18 -17.72 -2.38
N ALA A 281 3.75 -16.46 -2.47
CA ALA A 281 2.73 -16.05 -3.47
C ALA A 281 3.33 -16.16 -4.87
N LEU A 282 4.57 -15.71 -5.05
CA LEU A 282 5.25 -15.81 -6.37
C LEU A 282 5.46 -17.31 -6.74
N GLU A 283 5.87 -18.15 -5.79
CA GLU A 283 6.06 -19.63 -5.99
C GLU A 283 4.71 -20.26 -6.40
N GLY A 284 3.62 -19.85 -5.75
CA GLY A 284 2.24 -20.25 -6.11
C GLY A 284 1.88 -19.88 -7.53
N LEU A 285 2.23 -18.69 -7.99
CA LEU A 285 1.93 -18.27 -9.37
C LEU A 285 2.89 -18.95 -10.37
N GLY A 286 3.94 -19.63 -9.92
CA GLY A 286 4.90 -20.31 -10.82
C GLY A 286 6.02 -19.39 -11.25
N VAL A 287 6.13 -18.22 -10.62
CA VAL A 287 7.16 -17.18 -10.91
C VAL A 287 8.30 -17.34 -9.89
N ASN A 288 8.40 -18.52 -9.28
CA ASN A 288 9.34 -18.82 -8.16
C ASN A 288 9.71 -17.51 -7.45
S SO4 B . -15.87 9.07 8.08
O1 SO4 B . -15.81 7.66 8.43
O2 SO4 B . -16.58 9.21 6.85
O3 SO4 B . -16.54 9.82 9.11
O4 SO4 B . -14.52 9.58 7.89
C1 GOL C . 7.55 -0.99 -15.52
O1 GOL C . 8.92 -0.70 -15.31
C2 GOL C . 6.72 0.23 -15.87
O2 GOL C . 7.52 1.40 -16.07
C3 GOL C . 5.87 0.03 -17.09
O3 GOL C . 5.11 1.20 -17.38
S SO4 D . 4.62 -11.78 17.31
O1 SO4 D . 4.19 -12.94 18.05
O2 SO4 D . 3.55 -11.43 16.35
O3 SO4 D . 4.88 -10.70 18.22
O4 SO4 D . 5.83 -12.07 16.59
C10 A1A20 E . 6.43 3.45 10.17
C13 A1A20 E . 7.08 1.83 12.25
C15 A1A20 E . 6.02 2.70 12.45
C20 A1A20 E . 4.05 5.97 15.50
C21 A1A20 E . 4.68 7.40 15.77
C22 A1A20 E . 5.75 7.56 14.58
O01 A1A20 E . 3.26 6.30 10.54
C02 A1A20 E . 4.23 5.48 10.41
C03 A1A20 E . 5.08 5.27 9.19
C04 A1A20 E . 6.17 4.33 9.01
C05 A1A20 E . 6.91 4.05 7.74
P06 A1A20 E . 5.66 2.69 6.89
O07 A1A20 E . 4.30 2.75 7.62
O08 A1A20 E . 6.28 1.33 7.09
O09 A1A20 E . 5.48 3.09 5.45
C11 A1A20 E . 7.46 2.47 10.02
C12 A1A20 E . 7.86 1.60 11.11
BR14 A1A20 E . 7.34 0.67 13.92
C16 A1A20 E . 5.66 3.59 11.41
N17 A1A20 E . 4.55 4.55 11.61
C18 A1A20 E . 3.71 4.69 12.95
C19 A1A20 E . 4.59 5.52 14.03
C23 A1A20 E . 5.13 6.89 13.40
#